data_2W46
#
_entry.id   2W46
#
_cell.length_a   28.216
_cell.length_b   46.135
_cell.length_c   49.006
_cell.angle_alpha   71.61
_cell.angle_beta   89.78
_cell.angle_gamma   82.19
#
_symmetry.space_group_name_H-M   'P 1'
#
loop_
_entity.id
_entity.type
_entity.pdbx_description
1 polymer 'ESTERASE D'
2 non-polymer 'CALCIUM ION'
3 non-polymer 'SODIUM ION'
4 water water
#
_entity_poly.entity_id   1
_entity_poly.type   'polypeptide(L)'
_entity_poly.pdbx_seq_one_letter_code
;SSVASALLLQEAQAGFCRVDGTIDNNHTGFTGSGFANTNNAQGAAVVWAIDATSSGRRTLTIRYANGGTANRNGSLVING
GSNGNYTVSLPTTGAWTTWQTATIDVDLVQGNNIVQLSATTAEGLPNIDSLSVVGGTVRAGNCG
;
_entity_poly.pdbx_strand_id   A,B
#
loop_
_chem_comp.id
_chem_comp.type
_chem_comp.name
_chem_comp.formula
CA non-polymer 'CALCIUM ION' 'Ca 2'
NA non-polymer 'SODIUM ION' 'Na 1'
#
# COMPACT_ATOMS: atom_id res chain seq x y z
N SER A 5 1.25 7.46 25.51
CA SER A 5 2.64 7.93 25.19
C SER A 5 3.03 7.89 23.67
N ALA A 6 2.12 8.34 22.79
CA ALA A 6 2.42 8.49 21.36
C ALA A 6 3.66 9.36 21.12
N LEU A 7 4.31 9.14 19.99
CA LEU A 7 5.40 9.97 19.57
C LEU A 7 4.97 10.75 18.32
N LEU A 8 5.04 12.08 18.36
CA LEU A 8 4.59 12.91 17.24
C LEU A 8 5.80 13.51 16.57
N LEU A 9 6.08 13.07 15.35
CA LEU A 9 7.33 13.47 14.68
C LEU A 9 7.02 14.56 13.67
N GLN A 10 7.69 15.69 13.86
CA GLN A 10 7.52 16.86 13.00
C GLN A 10 8.84 17.06 12.21
N GLU A 11 8.76 17.69 11.03
CA GLU A 11 9.93 18.36 10.42
C GLU A 11 10.71 19.19 11.44
N ALA A 12 12.02 19.22 11.27
CA ALA A 12 12.88 20.04 12.10
C ALA A 12 12.92 19.67 13.57
N GLN A 13 12.60 18.42 13.88
CA GLN A 13 12.68 17.93 15.25
C GLN A 13 13.33 16.53 15.24
N ALA A 14 13.83 16.09 16.39
CA ALA A 14 14.51 14.83 16.48
C ALA A 14 13.65 13.71 15.91
N GLY A 15 14.25 12.88 15.09
CA GLY A 15 13.57 11.72 14.50
C GLY A 15 13.09 11.99 13.09
N PHE A 16 13.20 13.23 12.65
CA PHE A 16 12.89 13.53 11.25
C PHE A 16 14.20 13.47 10.49
N CYS A 17 14.29 12.58 9.48
CA CYS A 17 15.59 12.34 8.83
C CYS A 17 15.82 12.98 7.48
N ARG A 18 14.80 13.06 6.62
CA ARG A 18 15.04 13.51 5.26
C ARG A 18 13.73 13.75 4.54
N VAL A 19 13.74 14.71 3.64
CA VAL A 19 12.74 14.76 2.59
C VAL A 19 13.51 14.93 1.28
N ASP A 20 13.09 14.20 0.25
CA ASP A 20 13.52 14.43 -1.12
C ASP A 20 12.57 15.48 -1.66
N GLY A 21 12.98 16.73 -1.52
CA GLY A 21 12.13 17.91 -1.80
C GLY A 21 12.46 18.99 -0.78
N THR A 22 11.44 19.63 -0.23
CA THR A 22 11.65 20.75 0.70
C THR A 22 10.68 20.68 1.88
N ILE A 23 11.00 21.44 2.91
CA ILE A 23 10.08 21.70 4.02
C ILE A 23 9.48 23.09 3.77
N ASP A 24 8.16 23.13 3.64
CA ASP A 24 7.42 24.32 3.20
C ASP A 24 6.41 24.70 4.28
N ASN A 25 5.87 25.91 4.15
CA ASN A 25 4.92 26.41 5.17
C ASN A 25 3.88 27.35 4.54
N ASN A 26 3.68 27.21 3.23
CA ASN A 26 2.92 28.23 2.44
C ASN A 26 1.44 27.88 2.20
N HIS A 27 0.99 26.82 2.84
CA HIS A 27 -0.42 26.43 2.89
C HIS A 27 -0.82 26.34 4.38
N THR A 28 -1.96 26.92 4.73
CA THR A 28 -2.40 26.92 6.15
C THR A 28 -2.77 25.51 6.64
N GLY A 29 -2.80 25.32 7.97
CA GLY A 29 -3.36 24.11 8.59
C GLY A 29 -2.40 23.01 9.01
N PHE A 30 -1.10 23.20 8.76
CA PHE A 30 -0.09 22.24 9.22
C PHE A 30 0.12 22.40 10.73
N THR A 31 0.96 21.52 11.31
CA THR A 31 1.38 21.62 12.72
C THR A 31 2.90 21.64 12.75
N GLY A 32 3.50 22.05 13.88
CA GLY A 32 4.95 22.26 13.87
C GLY A 32 5.32 23.47 13.00
N SER A 33 6.53 23.48 12.44
CA SER A 33 6.98 24.64 11.66
C SER A 33 6.69 24.49 10.14
N GLY A 34 6.20 23.33 9.71
CA GLY A 34 5.96 23.16 8.28
C GLY A 34 5.34 21.84 7.88
N PHE A 35 5.65 21.43 6.66
CA PHE A 35 5.26 20.11 6.15
C PHE A 35 6.29 19.75 5.10
N ALA A 36 6.43 18.46 4.83
CA ALA A 36 7.32 18.01 3.75
C ALA A 36 6.59 18.03 2.42
N ASN A 37 7.24 18.63 1.43
CA ASN A 37 6.75 18.74 0.06
C ASN A 37 7.76 17.98 -0.82
N THR A 38 7.44 16.77 -1.25
CA THR A 38 8.37 15.98 -2.05
C THR A 38 8.55 16.53 -3.47
N ASN A 39 9.73 16.24 -4.06
CA ASN A 39 9.86 16.31 -5.52
C ASN A 39 8.69 15.56 -6.18
N ASN A 40 8.31 15.98 -7.39
CA ASN A 40 7.36 15.24 -8.19
C ASN A 40 8.03 14.13 -8.96
N ALA A 41 8.25 13.01 -8.29
CA ALA A 41 9.04 11.92 -8.83
C ALA A 41 8.65 10.70 -8.05
N GLN A 42 8.47 9.55 -8.72
CA GLN A 42 8.24 8.36 -7.91
C GLN A 42 9.50 8.02 -7.12
N GLY A 43 9.30 7.40 -5.97
CA GLY A 43 10.41 7.13 -5.05
C GLY A 43 10.82 8.30 -4.14
N ALA A 44 10.39 9.53 -4.44
CA ALA A 44 10.67 10.66 -3.51
C ALA A 44 10.09 10.39 -2.14
N ALA A 45 10.90 10.60 -1.10
CA ALA A 45 10.54 10.10 0.21
C ALA A 45 10.56 11.15 1.32
N VAL A 46 9.87 10.81 2.39
CA VAL A 46 10.03 11.44 3.70
C VAL A 46 10.47 10.29 4.60
N VAL A 47 11.45 10.53 5.47
CA VAL A 47 12.09 9.43 6.24
C VAL A 47 12.20 9.88 7.70
N TRP A 48 11.83 8.99 8.61
CA TRP A 48 11.92 9.27 10.03
C TRP A 48 12.64 8.10 10.67
N ALA A 49 12.97 8.27 11.95
CA ALA A 49 13.60 7.19 12.69
C ALA A 49 12.96 7.12 14.05
N ILE A 50 12.64 5.90 14.46
CA ILE A 50 11.97 5.64 15.73
C ILE A 50 12.74 4.52 16.48
N ASP A 51 13.01 4.75 17.77
CA ASP A 51 13.55 3.71 18.65
C ASP A 51 12.38 3.12 19.45
N ALA A 52 12.24 1.79 19.41
CA ALA A 52 11.23 1.07 20.17
C ALA A 52 11.95 0.25 21.23
N THR A 53 11.48 0.34 22.47
CA THR A 53 12.12 -0.44 23.53
C THR A 53 11.79 -1.93 23.44
N SER A 54 10.68 -2.28 22.79
CA SER A 54 10.31 -3.66 22.50
C SER A 54 9.72 -3.79 21.10
N SER A 55 9.89 -4.95 20.47
CA SER A 55 9.25 -5.19 19.15
C SER A 55 7.77 -5.32 19.42
N GLY A 56 6.93 -5.05 18.40
CA GLY A 56 5.50 -5.14 18.65
C GLY A 56 4.76 -4.26 17.68
N ARG A 57 3.44 -4.44 17.62
CA ARG A 57 2.63 -3.69 16.64
C ARG A 57 2.48 -2.24 17.05
N ARG A 58 2.61 -1.33 16.10
CA ARG A 58 2.34 0.09 16.31
C ARG A 58 1.29 0.57 15.31
N THR A 59 0.54 1.61 15.66
CA THR A 59 -0.33 2.29 14.73
C THR A 59 0.35 3.59 14.32
N LEU A 60 0.55 3.75 13.02
CA LEU A 60 1.14 4.97 12.47
C LEU A 60 0.02 5.82 11.89
N THR A 61 0.06 7.11 12.21
CA THR A 61 -0.89 8.04 11.64
C THR A 61 -0.14 9.14 10.89
N ILE A 62 -0.48 9.29 9.60
CA ILE A 62 0.22 10.24 8.75
C ILE A 62 -0.78 11.35 8.45
N ARG A 63 -0.47 12.57 8.84
CA ARG A 63 -1.36 13.68 8.54
C ARG A 63 -0.87 14.31 7.24
N TYR A 64 -1.79 14.58 6.31
CA TYR A 64 -1.33 14.96 4.94
C TYR A 64 -2.34 15.87 4.23
N ALA A 65 -1.88 16.65 3.24
CA ALA A 65 -2.79 17.40 2.37
C ALA A 65 -2.55 16.98 0.95
N ASN A 66 -3.63 16.82 0.17
CA ASN A 66 -3.51 16.45 -1.24
C ASN A 66 -4.43 17.32 -2.05
N GLY A 67 -3.94 18.46 -2.52
CA GLY A 67 -4.77 19.40 -3.26
C GLY A 67 -4.93 19.06 -4.74
N GLY A 68 -4.37 17.95 -5.18
CA GLY A 68 -4.52 17.52 -6.56
C GLY A 68 -5.69 16.57 -6.65
N THR A 69 -6.07 16.20 -7.87
CA THR A 69 -7.22 15.29 -7.98
C THR A 69 -6.85 13.81 -7.75
N ALA A 70 -5.65 13.43 -8.20
CA ALA A 70 -5.26 12.03 -8.16
C ALA A 70 -4.83 11.61 -6.76
N ASN A 71 -5.06 10.35 -6.42
CA ASN A 71 -4.37 9.76 -5.26
C ASN A 71 -2.87 9.91 -5.47
N ARG A 72 -2.11 10.06 -4.38
CA ARG A 72 -0.67 10.03 -4.42
C ARG A 72 -0.20 9.00 -3.40
N ASN A 73 -0.53 7.74 -3.65
CA ASN A 73 -0.31 6.63 -2.68
C ASN A 73 1.18 6.48 -2.39
N GLY A 74 1.50 5.94 -1.21
CA GLY A 74 2.87 5.84 -0.76
C GLY A 74 3.24 4.38 -0.51
N SER A 75 4.53 4.11 -0.59
CA SER A 75 5.09 2.85 -0.11
C SER A 75 5.72 3.16 1.22
N LEU A 76 5.39 2.39 2.25
CA LEU A 76 5.99 2.62 3.57
CA LEU A 76 5.93 2.59 3.61
C LEU A 76 6.87 1.41 3.91
N VAL A 77 8.16 1.66 4.09
CA VAL A 77 9.11 0.57 4.26
C VAL A 77 9.90 0.79 5.55
N ILE A 78 10.10 -0.28 6.29
CA ILE A 78 10.80 -0.19 7.56
C ILE A 78 12.13 -0.91 7.47
N ASN A 79 13.18 -0.21 7.87
CA ASN A 79 14.55 -0.71 7.81
C ASN A 79 14.94 -1.30 6.44
N GLY A 80 14.66 -0.55 5.38
CA GLY A 80 15.03 -0.93 4.01
C GLY A 80 14.43 -2.24 3.51
N GLY A 81 13.43 -2.75 4.22
CA GLY A 81 12.73 -3.97 3.88
C GLY A 81 13.59 -5.18 4.13
N GLY A 84 9.60 -4.44 7.16
CA GLY A 84 8.27 -4.60 6.54
C GLY A 84 8.06 -3.65 5.34
N ASN A 85 7.23 -4.09 4.39
CA ASN A 85 6.83 -3.25 3.23
CA ASN A 85 6.85 -3.32 3.21
C ASN A 85 5.31 -3.11 3.18
N TYR A 86 4.83 -1.87 3.28
CA TYR A 86 3.38 -1.59 3.37
C TYR A 86 2.96 -0.59 2.29
N THR A 87 1.66 -0.54 2.07
CA THR A 87 1.09 0.45 1.17
C THR A 87 0.27 1.44 2.01
N VAL A 88 0.29 2.72 1.64
CA VAL A 88 -0.51 3.77 2.29
C VAL A 88 -1.33 4.51 1.24
N SER A 89 -2.65 4.49 1.38
CA SER A 89 -3.51 5.15 0.38
C SER A 89 -3.66 6.61 0.72
N LEU A 90 -3.44 7.49 -0.28
CA LEU A 90 -3.41 8.94 -0.01
C LEU A 90 -4.25 9.68 -1.04
N PRO A 91 -5.57 9.60 -0.90
CA PRO A 91 -6.48 10.25 -1.83
C PRO A 91 -6.53 11.78 -1.66
N THR A 92 -7.14 12.43 -2.63
CA THR A 92 -7.32 13.86 -2.58
C THR A 92 -8.00 14.29 -1.27
N THR A 93 -7.54 15.40 -0.69
CA THR A 93 -8.17 16.02 0.49
C THR A 93 -9.09 17.18 0.05
N GLY A 94 -9.07 17.52 -1.22
CA GLY A 94 -9.96 18.54 -1.78
C GLY A 94 -9.31 19.91 -1.88
N ALA A 95 -8.21 20.12 -1.17
CA ALA A 95 -7.47 21.40 -1.17
C ALA A 95 -6.14 21.24 -0.44
N TRP A 96 -5.16 22.08 -0.81
CA TRP A 96 -3.84 22.06 -0.16
C TRP A 96 -3.90 22.60 1.29
N THR A 97 -5.05 23.17 1.65
CA THR A 97 -5.30 23.71 3.00
C THR A 97 -6.14 22.75 3.86
N THR A 98 -6.56 21.63 3.29
CA THR A 98 -7.32 20.61 4.03
C THR A 98 -6.44 19.41 4.29
N TRP A 99 -6.36 19.00 5.56
CA TRP A 99 -5.44 17.94 5.97
C TRP A 99 -6.30 16.80 6.45
N GLN A 100 -5.87 15.57 6.17
CA GLN A 100 -6.58 14.41 6.69
C GLN A 100 -5.51 13.47 7.23
N THR A 101 -5.91 12.32 7.76
CA THR A 101 -4.93 11.35 8.21
C THR A 101 -5.11 10.01 7.48
N ALA A 102 -4.00 9.29 7.33
CA ALA A 102 -4.06 7.93 6.82
C ALA A 102 -3.43 7.15 7.95
N THR A 103 -4.01 5.99 8.25
CA THR A 103 -3.54 5.20 9.37
C THR A 103 -3.14 3.80 8.89
N ILE A 104 -2.15 3.21 9.54
CA ILE A 104 -1.62 1.92 9.10
C ILE A 104 -0.96 1.26 10.31
N ASP A 105 -1.29 0.00 10.56
CA ASP A 105 -0.60 -0.74 11.62
C ASP A 105 0.61 -1.42 10.99
N VAL A 106 1.72 -1.44 11.74
CA VAL A 106 2.96 -2.00 11.29
C VAL A 106 3.58 -2.74 12.47
N ASP A 107 4.56 -3.57 12.19
CA ASP A 107 5.42 -4.09 13.28
C ASP A 107 6.68 -3.28 13.32
N LEU A 108 7.07 -2.83 14.51
CA LEU A 108 8.39 -2.28 14.72
C LEU A 108 9.25 -3.29 15.45
N VAL A 109 10.53 -3.31 15.12
CA VAL A 109 11.52 -4.14 15.83
C VAL A 109 12.08 -3.40 17.07
N GLN A 110 12.56 -4.14 18.07
CA GLN A 110 13.21 -3.51 19.22
C GLN A 110 14.43 -2.76 18.68
N GLY A 111 14.63 -1.53 19.13
CA GLY A 111 15.75 -0.75 18.61
C GLY A 111 15.37 0.20 17.52
N ASN A 112 16.33 0.48 16.62
CA ASN A 112 16.11 1.49 15.53
C ASN A 112 15.24 1.02 14.38
N ASN A 113 14.35 1.91 13.94
CA ASN A 113 13.41 1.60 12.86
C ASN A 113 13.41 2.81 11.96
N ILE A 114 14.11 2.72 10.83
CA ILE A 114 14.05 3.79 9.83
C ILE A 114 12.76 3.56 9.00
N VAL A 115 11.86 4.55 9.04
CA VAL A 115 10.58 4.47 8.37
C VAL A 115 10.63 5.42 7.15
N GLN A 116 10.53 4.85 5.94
CA GLN A 116 10.51 5.65 4.70
C GLN A 116 9.12 5.61 4.11
N LEU A 117 8.53 6.78 3.88
CA LEU A 117 7.31 6.85 3.09
C LEU A 117 7.71 7.42 1.72
N SER A 118 7.55 6.63 0.66
CA SER A 118 7.98 6.99 -0.71
CA SER A 118 7.96 7.06 -0.69
C SER A 118 6.79 7.07 -1.68
N ALA A 119 6.87 7.97 -2.65
CA ALA A 119 5.87 8.10 -3.70
C ALA A 119 5.84 6.89 -4.65
N THR A 120 4.64 6.38 -4.91
CA THR A 120 4.49 5.31 -5.90
C THR A 120 4.24 5.84 -7.33
N THR A 121 3.91 7.14 -7.44
CA THR A 121 3.63 7.79 -8.75
C THR A 121 4.55 8.96 -9.02
N ALA A 122 4.52 9.46 -10.25
CA ALA A 122 5.37 10.61 -10.64
C ALA A 122 4.89 11.93 -10.04
N GLU A 123 3.73 11.92 -9.38
CA GLU A 123 3.25 13.13 -8.71
CA GLU A 123 3.24 13.11 -8.70
C GLU A 123 3.94 13.35 -7.37
N GLY A 124 4.66 12.33 -6.90
CA GLY A 124 5.29 12.42 -5.58
C GLY A 124 4.24 12.12 -4.53
N LEU A 125 4.54 12.48 -3.27
CA LEU A 125 3.61 12.24 -2.19
C LEU A 125 2.68 13.45 -2.07
N PRO A 126 1.61 13.30 -1.29
CA PRO A 126 0.90 14.51 -0.88
C PRO A 126 1.87 15.27 0.06
N ASN A 127 1.52 16.49 0.46
CA ASN A 127 2.31 17.18 1.49
C ASN A 127 2.15 16.48 2.83
N ILE A 128 3.25 16.26 3.53
CA ILE A 128 3.19 15.42 4.73
C ILE A 128 3.48 16.28 5.96
N ASP A 129 2.45 16.45 6.80
CA ASP A 129 2.57 17.33 7.99
C ASP A 129 3.36 16.65 9.14
N SER A 130 3.00 15.41 9.45
CA SER A 130 3.56 14.77 10.65
C SER A 130 3.35 13.24 10.60
N LEU A 131 4.13 12.53 11.44
CA LEU A 131 3.92 11.10 11.69
C LEU A 131 3.68 10.92 13.18
N SER A 132 2.60 10.22 13.54
CA SER A 132 2.33 9.89 14.92
C SER A 132 2.42 8.37 15.10
N VAL A 133 2.99 7.94 16.22
CA VAL A 133 3.30 6.54 16.45
C VAL A 133 2.81 6.17 17.85
N VAL A 134 1.98 5.12 17.94
CA VAL A 134 1.42 4.64 19.21
CA VAL A 134 1.51 4.64 19.26
C VAL A 134 1.69 3.13 19.35
N GLY A 135 2.16 2.69 20.52
CA GLY A 135 2.45 1.29 20.80
C GLY A 135 3.70 1.25 21.67
N GLY A 136 3.50 0.84 22.93
CA GLY A 136 4.63 0.62 23.88
C GLY A 136 5.38 1.92 24.08
N THR A 137 6.72 1.84 24.12
CA THR A 137 7.58 2.98 24.38
C THR A 137 8.41 3.26 23.13
N VAL A 138 8.15 4.42 22.53
CA VAL A 138 8.83 4.80 21.30
C VAL A 138 9.32 6.24 21.45
N ARG A 139 10.53 6.49 20.96
CA ARG A 139 11.17 7.78 21.03
C ARG A 139 11.85 8.02 19.69
N ALA A 140 12.31 9.24 19.45
CA ALA A 140 13.15 9.52 18.28
C ALA A 140 14.32 8.55 18.18
N GLY A 141 14.49 7.97 16.98
CA GLY A 141 15.63 7.10 16.69
C GLY A 141 16.84 7.81 16.11
N ASN A 142 17.72 7.01 15.50
CA ASN A 142 18.96 7.45 14.90
C ASN A 142 18.80 7.44 13.40
N CYS A 143 18.97 8.61 12.79
CA CYS A 143 18.91 8.67 11.35
C CYS A 143 20.10 7.95 10.79
N GLY A 144 19.91 7.37 9.62
CA GLY A 144 21.06 7.00 8.86
C GLY A 144 20.96 5.60 8.41
N LEU B 7 -1.92 -7.38 -20.06
CA LEU B 7 -1.49 -6.43 -18.96
C LEU B 7 -1.17 -7.25 -17.71
N LEU B 8 0.03 -7.10 -17.13
CA LEU B 8 0.45 -7.91 -15.96
C LEU B 8 0.74 -6.98 -14.78
N LEU B 9 -0.10 -7.05 -13.77
CA LEU B 9 -0.02 -6.10 -12.67
C LEU B 9 0.70 -6.72 -11.48
N GLN B 10 1.80 -6.07 -11.10
CA GLN B 10 2.65 -6.48 -9.99
C GLN B 10 2.61 -5.44 -8.86
N GLU B 11 2.81 -5.91 -7.62
CA GLU B 11 3.14 -5.06 -6.50
C GLU B 11 4.19 -3.99 -6.93
N ALA B 12 4.09 -2.78 -6.39
CA ALA B 12 5.11 -1.75 -6.61
C ALA B 12 5.21 -1.26 -8.04
N GLN B 13 4.17 -1.47 -8.82
CA GLN B 13 4.14 -0.90 -10.17
C GLN B 13 2.80 -0.23 -10.40
N ALA B 14 2.70 0.57 -11.46
CA ALA B 14 1.46 1.29 -11.76
C ALA B 14 0.25 0.34 -11.73
N GLY B 15 -0.83 0.78 -11.12
CA GLY B 15 -2.06 0.01 -11.07
C GLY B 15 -2.17 -0.91 -9.88
N PHE B 16 -1.13 -1.03 -9.06
CA PHE B 16 -1.24 -1.77 -7.78
C PHE B 16 -1.58 -0.73 -6.70
N CYS B 17 -2.75 -0.87 -6.07
CA CYS B 17 -3.30 0.18 -5.23
C CYS B 17 -3.12 -0.08 -3.74
N ARG B 18 -3.30 -1.31 -3.29
CA ARG B 18 -3.26 -1.52 -1.83
C ARG B 18 -3.19 -2.98 -1.50
N VAL B 19 -2.49 -3.32 -0.43
CA VAL B 19 -2.69 -4.59 0.26
C VAL B 19 -2.97 -4.25 1.75
N ASP B 20 -3.96 -4.90 2.35
CA ASP B 20 -4.14 -4.94 3.82
C ASP B 20 -3.28 -6.07 4.32
N GLY B 21 -2.08 -5.71 4.77
CA GLY B 21 -1.02 -6.65 5.02
C GLY B 21 0.28 -6.07 4.53
N THR B 22 1.16 -6.94 4.00
CA THR B 22 2.49 -6.52 3.52
C THR B 22 2.80 -7.04 2.12
N ILE B 23 3.83 -6.46 1.49
CA ILE B 23 4.44 -7.02 0.29
CA ILE B 23 4.43 -7.04 0.30
C ILE B 23 5.69 -7.78 0.74
N ASP B 24 5.73 -9.09 0.51
CA ASP B 24 6.84 -9.91 1.04
C ASP B 24 7.60 -10.56 -0.13
N ASN B 25 8.72 -11.20 0.18
CA ASN B 25 9.56 -11.80 -0.88
C ASN B 25 10.35 -13.01 -0.35
N ASN B 26 9.86 -13.60 0.72
CA ASN B 26 10.62 -14.61 1.47
C ASN B 26 10.28 -16.07 1.10
N HIS B 27 9.40 -16.28 0.12
CA HIS B 27 9.13 -17.63 -0.44
C HIS B 27 9.55 -17.56 -1.92
N THR B 28 10.29 -18.54 -2.41
CA THR B 28 10.68 -18.50 -3.85
C THR B 28 9.48 -18.64 -4.82
N GLY B 29 9.66 -18.21 -6.06
CA GLY B 29 8.73 -18.54 -7.16
C GLY B 29 7.79 -17.43 -7.57
N PHE B 30 7.83 -16.28 -6.89
CA PHE B 30 7.04 -15.13 -7.31
C PHE B 30 7.64 -14.49 -8.56
N THR B 31 6.93 -13.49 -9.07
CA THR B 31 7.42 -12.67 -10.17
C THR B 31 7.39 -11.20 -9.72
N GLY B 32 8.05 -10.30 -10.45
CA GLY B 32 8.16 -8.93 -9.92
C GLY B 32 9.04 -8.93 -8.66
N SER B 33 8.84 -7.93 -7.79
CA SER B 33 9.71 -7.78 -6.63
C SER B 33 9.14 -8.52 -5.37
N GLY B 34 7.91 -9.04 -5.43
CA GLY B 34 7.42 -9.87 -4.34
C GLY B 34 6.03 -10.37 -4.55
N PHE B 35 5.27 -10.45 -3.47
CA PHE B 35 3.87 -10.90 -3.53
C PHE B 35 3.13 -10.26 -2.39
N ALA B 36 1.81 -10.17 -2.51
CA ALA B 36 1.01 -9.59 -1.40
C ALA B 36 0.67 -10.67 -0.39
N ASN B 37 0.90 -10.34 0.87
CA ASN B 37 0.61 -11.23 1.96
C ASN B 37 -0.42 -10.50 2.83
N THR B 38 -1.69 -10.86 2.69
CA THR B 38 -2.75 -10.19 3.49
C THR B 38 -2.64 -10.50 4.97
N ASN B 39 -3.11 -9.57 5.80
CA ASN B 39 -3.55 -9.87 7.18
C ASN B 39 -4.43 -11.12 7.22
N ASN B 40 -4.42 -11.82 8.35
CA ASN B 40 -5.30 -12.96 8.57
C ASN B 40 -6.64 -12.49 9.09
N ALA B 41 -7.42 -11.95 8.17
CA ALA B 41 -8.67 -11.33 8.53
C ALA B 41 -9.60 -11.40 7.37
N GLN B 42 -10.86 -11.72 7.65
CA GLN B 42 -11.86 -11.65 6.60
C GLN B 42 -11.90 -10.22 6.05
N GLY B 43 -12.04 -10.08 4.76
CA GLY B 43 -12.12 -8.75 4.14
C GLY B 43 -10.76 -8.11 3.84
N ALA B 44 -9.67 -8.70 4.36
CA ALA B 44 -8.32 -8.20 3.95
C ALA B 44 -8.16 -8.31 2.43
N ALA B 45 -7.68 -7.22 1.82
CA ALA B 45 -7.73 -7.10 0.38
C ALA B 45 -6.42 -6.83 -0.35
N VAL B 46 -6.43 -7.17 -1.63
CA VAL B 46 -5.45 -6.64 -2.57
C VAL B 46 -6.29 -5.86 -3.56
N VAL B 47 -5.82 -4.67 -3.97
CA VAL B 47 -6.63 -3.78 -4.82
C VAL B 47 -5.78 -3.26 -5.99
N TRP B 48 -6.36 -3.34 -7.20
CA TRP B 48 -5.72 -2.86 -8.41
C TRP B 48 -6.66 -1.88 -9.14
N ALA B 49 -6.08 -1.15 -10.10
CA ALA B 49 -6.80 -0.21 -10.94
C ALA B 49 -6.49 -0.53 -12.41
N ILE B 50 -7.53 -0.65 -13.22
CA ILE B 50 -7.37 -1.00 -14.64
C ILE B 50 -8.14 0.00 -15.49
N ASP B 51 -7.46 0.57 -16.49
CA ASP B 51 -8.18 1.34 -17.50
C ASP B 51 -8.59 0.48 -18.68
N ALA B 52 -9.87 0.58 -19.05
CA ALA B 52 -10.43 -0.17 -20.15
C ALA B 52 -10.84 0.81 -21.25
N THR B 53 -10.38 0.59 -22.48
CA THR B 53 -10.76 1.49 -23.58
C THR B 53 -12.30 1.51 -23.77
N SER B 54 -12.90 0.34 -23.69
CA SER B 54 -14.33 0.18 -23.87
C SER B 54 -14.79 -0.84 -22.80
N SER B 55 -16.10 -0.87 -22.54
CA SER B 55 -16.63 -1.92 -21.65
C SER B 55 -16.39 -3.24 -22.35
N GLY B 56 -16.37 -4.34 -21.62
CA GLY B 56 -16.06 -5.61 -22.25
C GLY B 56 -15.72 -6.63 -21.19
N ARG B 57 -16.00 -7.88 -21.53
CA ARG B 57 -15.54 -9.02 -20.72
C ARG B 57 -14.01 -9.15 -20.78
N ARG B 58 -13.38 -9.31 -19.62
CA ARG B 58 -11.95 -9.55 -19.52
C ARG B 58 -11.69 -10.86 -18.79
N THR B 59 -10.61 -11.54 -19.16
CA THR B 59 -10.18 -12.70 -18.39
C THR B 59 -9.11 -12.24 -17.41
N LEU B 60 -9.37 -12.49 -16.12
CA LEU B 60 -8.44 -12.15 -15.03
C LEU B 60 -7.76 -13.41 -14.60
N THR B 61 -6.43 -13.34 -14.53
CA THR B 61 -5.67 -14.50 -14.07
C THR B 61 -4.87 -14.08 -12.85
N ILE B 62 -5.12 -14.77 -11.76
CA ILE B 62 -4.52 -14.37 -10.48
C ILE B 62 -3.56 -15.48 -10.13
N ARG B 63 -2.29 -15.13 -9.99
CA ARG B 63 -1.27 -16.12 -9.66
C ARG B 63 -1.03 -16.04 -8.16
N TYR B 64 -1.04 -17.19 -7.50
CA TYR B 64 -1.09 -17.26 -6.03
C TYR B 64 -0.38 -18.51 -5.48
N ALA B 65 -0.04 -18.44 -4.19
CA ALA B 65 0.50 -19.60 -3.47
C ALA B 65 -0.35 -19.75 -2.20
N ASN B 66 -0.66 -20.98 -1.86
CA ASN B 66 -1.43 -21.28 -0.66
C ASN B 66 -0.85 -22.51 0.00
N GLY B 67 0.10 -22.28 0.91
CA GLY B 67 0.78 -23.39 1.62
C GLY B 67 -0.02 -23.85 2.85
N GLY B 68 -1.19 -23.29 3.05
CA GLY B 68 -2.07 -23.70 4.13
C GLY B 68 -2.89 -24.91 3.69
N THR B 69 -3.60 -25.52 4.63
CA THR B 69 -4.53 -26.59 4.28
C THR B 69 -5.81 -26.13 3.53
N ALA B 70 -6.49 -25.13 4.10
CA ALA B 70 -7.80 -24.76 3.58
C ALA B 70 -7.76 -23.90 2.33
N ASN B 71 -8.84 -23.94 1.55
CA ASN B 71 -9.11 -22.88 0.57
C ASN B 71 -9.06 -21.53 1.28
N ARG B 72 -8.58 -20.48 0.60
CA ARG B 72 -8.67 -19.14 1.10
C ARG B 72 -9.40 -18.32 0.00
N ASN B 73 -10.65 -18.67 -0.23
CA ASN B 73 -11.40 -18.14 -1.40
C ASN B 73 -11.57 -16.64 -1.27
N GLY B 74 -11.76 -15.97 -2.41
CA GLY B 74 -11.79 -14.51 -2.48
C GLY B 74 -13.10 -14.03 -3.06
N SER B 75 -13.43 -12.81 -2.67
CA SER B 75 -14.51 -12.08 -3.30
C SER B 75 -13.87 -11.03 -4.19
N LEU B 76 -14.31 -10.94 -5.44
CA LEU B 76 -13.71 -9.96 -6.34
C LEU B 76 -14.80 -8.97 -6.70
N VAL B 77 -14.54 -7.69 -6.43
CA VAL B 77 -15.56 -6.66 -6.62
C VAL B 77 -14.98 -5.61 -7.57
N ILE B 78 -15.81 -5.23 -8.55
CA ILE B 78 -15.36 -4.28 -9.56
C ILE B 78 -16.13 -3.00 -9.35
N ASN B 79 -15.43 -1.88 -9.16
CA ASN B 79 -16.09 -0.58 -8.99
C ASN B 79 -17.06 -0.53 -7.79
N GLY B 80 -16.54 -1.01 -6.66
CA GLY B 80 -17.22 -1.27 -5.37
C GLY B 80 -18.39 -0.46 -4.87
N GLY B 84 -18.64 -6.88 -8.75
CA GLY B 84 -19.69 -7.62 -9.58
C GLY B 84 -21.01 -8.19 -9.00
N ASN B 85 -20.86 -8.96 -7.94
CA ASN B 85 -19.59 -9.32 -7.37
C ASN B 85 -19.29 -10.70 -7.88
N TYR B 86 -18.04 -11.14 -7.80
CA TYR B 86 -17.64 -12.46 -8.31
C TYR B 86 -17.02 -13.23 -7.16
N THR B 87 -16.96 -14.55 -7.32
CA THR B 87 -16.27 -15.40 -6.35
C THR B 87 -15.00 -15.93 -7.06
N VAL B 88 -13.90 -16.06 -6.33
CA VAL B 88 -12.63 -16.61 -6.87
C VAL B 88 -12.21 -17.78 -5.96
N SER B 89 -12.07 -19.00 -6.51
CA SER B 89 -11.69 -20.14 -5.66
C SER B 89 -10.16 -20.19 -5.54
N LEU B 90 -9.65 -20.37 -4.32
CA LEU B 90 -8.20 -20.32 -4.09
C LEU B 90 -7.74 -21.50 -3.21
N PRO B 91 -7.77 -22.71 -3.80
CA PRO B 91 -7.45 -23.93 -3.03
C PRO B 91 -5.95 -24.01 -2.68
N THR B 92 -5.60 -24.92 -1.77
CA THR B 92 -4.22 -25.12 -1.43
C THR B 92 -3.38 -25.37 -2.68
N THR B 93 -2.14 -24.88 -2.70
CA THR B 93 -1.22 -25.20 -3.80
C THR B 93 -0.18 -26.24 -3.36
N GLY B 94 -0.22 -26.61 -2.08
CA GLY B 94 0.66 -27.64 -1.50
C GLY B 94 1.93 -27.12 -0.85
N ALA B 95 2.31 -25.87 -1.13
CA ALA B 95 3.49 -25.26 -0.50
C ALA B 95 3.45 -23.77 -0.72
N TRP B 96 4.11 -22.99 0.16
CA TRP B 96 4.24 -21.53 -0.06
C TRP B 96 5.18 -21.17 -1.22
N THR B 97 5.94 -22.17 -1.68
CA THR B 97 6.79 -22.04 -2.86
C THR B 97 6.15 -22.53 -4.18
N THR B 98 4.93 -23.08 -4.08
CA THR B 98 4.19 -23.51 -5.27
C THR B 98 3.08 -22.55 -5.61
N TRP B 99 3.10 -22.07 -6.86
CA TRP B 99 2.20 -21.03 -7.32
C TRP B 99 1.32 -21.62 -8.38
N GLN B 100 0.04 -21.26 -8.38
CA GLN B 100 -0.91 -21.72 -9.41
C GLN B 100 -1.66 -20.50 -9.82
N THR B 101 -2.65 -20.65 -10.69
CA THR B 101 -3.47 -19.48 -11.05
C THR B 101 -4.93 -19.82 -10.88
N ALA B 102 -5.72 -18.78 -10.63
CA ALA B 102 -7.16 -18.92 -10.62
C ALA B 102 -7.59 -17.96 -11.73
N THR B 103 -8.63 -18.37 -12.45
CA THR B 103 -9.12 -17.61 -13.60
C THR B 103 -10.56 -17.21 -13.33
N ILE B 104 -10.90 -16.01 -13.78
CA ILE B 104 -12.27 -15.54 -13.66
CA ILE B 104 -12.25 -15.49 -13.61
C ILE B 104 -12.52 -14.49 -14.73
N ASP B 105 -13.63 -14.67 -15.44
CA ASP B 105 -14.06 -13.66 -16.43
C ASP B 105 -14.98 -12.66 -15.74
N VAL B 106 -14.76 -11.39 -16.04
CA VAL B 106 -15.45 -10.28 -15.41
C VAL B 106 -15.83 -9.26 -16.50
N ASP B 107 -16.82 -8.40 -16.22
CA ASP B 107 -17.10 -7.26 -17.09
C ASP B 107 -16.38 -6.05 -16.53
N LEU B 108 -15.60 -5.37 -17.36
CA LEU B 108 -15.05 -4.09 -16.99
C LEU B 108 -15.83 -3.02 -17.73
N VAL B 109 -15.89 -1.81 -17.17
CA VAL B 109 -16.57 -0.68 -17.85
C VAL B 109 -15.57 0.28 -18.49
N GLN B 110 -15.96 0.89 -19.62
CA GLN B 110 -15.16 1.92 -20.27
C GLN B 110 -14.61 2.86 -19.19
N GLY B 111 -13.31 3.16 -19.30
CA GLY B 111 -12.66 4.08 -18.40
C GLY B 111 -11.99 3.34 -17.22
N ASN B 112 -11.94 4.03 -16.08
CA ASN B 112 -11.17 3.50 -14.92
C ASN B 112 -11.96 2.47 -14.15
N ASN B 113 -11.33 1.36 -13.75
CA ASN B 113 -12.00 0.34 -12.97
C ASN B 113 -11.18 0.03 -11.72
N ILE B 114 -11.82 0.03 -10.55
CA ILE B 114 -11.13 -0.47 -9.33
C ILE B 114 -11.52 -1.95 -9.13
N VAL B 115 -10.50 -2.80 -9.00
CA VAL B 115 -10.70 -4.26 -8.78
C VAL B 115 -10.19 -4.63 -7.40
N GLN B 116 -11.08 -5.07 -6.51
CA GLN B 116 -10.67 -5.52 -5.19
C GLN B 116 -10.85 -7.01 -5.09
N LEU B 117 -9.79 -7.70 -4.67
CA LEU B 117 -9.90 -9.13 -4.26
C LEU B 117 -9.81 -9.18 -2.72
N SER B 118 -10.86 -9.62 -2.04
CA SER B 118 -10.91 -9.62 -0.58
CA SER B 118 -10.83 -9.65 -0.59
C SER B 118 -11.10 -11.04 -0.02
N ALA B 119 -10.50 -11.31 1.14
CA ALA B 119 -10.64 -12.61 1.79
C ALA B 119 -12.08 -12.84 2.25
N THR B 120 -12.61 -14.04 1.97
CA THR B 120 -13.92 -14.48 2.49
C THR B 120 -13.81 -15.18 3.85
N THR B 121 -12.58 -15.56 4.23
CA THR B 121 -12.34 -16.26 5.50
C THR B 121 -11.35 -15.52 6.39
N ALA B 122 -11.32 -15.92 7.66
CA ALA B 122 -10.44 -15.27 8.65
C ALA B 122 -8.96 -15.59 8.45
N GLU B 123 -8.65 -16.53 7.56
CA GLU B 123 -7.26 -16.79 7.17
C GLU B 123 -6.72 -15.75 6.21
N GLY B 124 -7.58 -14.87 5.71
CA GLY B 124 -7.14 -13.91 4.69
C GLY B 124 -7.05 -14.60 3.33
N LEU B 125 -6.32 -13.97 2.41
CA LEU B 125 -6.12 -14.50 1.07
C LEU B 125 -4.89 -15.40 1.06
N PRO B 126 -4.74 -16.21 0.01
CA PRO B 126 -3.44 -16.87 -0.18
C PRO B 126 -2.43 -15.75 -0.57
N ASN B 127 -1.17 -16.06 -0.74
CA ASN B 127 -0.24 -14.99 -1.17
C ASN B 127 -0.50 -14.67 -2.64
N ILE B 128 -0.56 -13.40 -2.98
CA ILE B 128 -0.97 -12.98 -4.33
C ILE B 128 0.19 -12.43 -5.09
N ASP B 129 0.66 -13.18 -6.10
CA ASP B 129 1.81 -12.74 -6.88
C ASP B 129 1.52 -11.62 -7.91
N SER B 130 0.45 -11.81 -8.69
CA SER B 130 0.19 -10.91 -9.81
C SER B 130 -1.27 -11.02 -10.30
N LEU B 131 -1.72 -10.00 -11.03
CA LEU B 131 -2.99 -10.04 -11.74
C LEU B 131 -2.73 -9.78 -13.21
N SER B 132 -3.15 -10.73 -14.05
CA SER B 132 -3.03 -10.59 -15.50
C SER B 132 -4.41 -10.35 -16.06
N VAL B 133 -4.51 -9.45 -17.04
CA VAL B 133 -5.80 -8.97 -17.54
C VAL B 133 -5.76 -9.02 -19.07
N VAL B 134 -6.69 -9.78 -19.64
CA VAL B 134 -6.77 -9.96 -21.12
C VAL B 134 -8.20 -9.65 -21.58
N GLY B 135 -8.30 -8.87 -22.65
CA GLY B 135 -9.61 -8.55 -23.25
C GLY B 135 -9.62 -7.11 -23.71
N GLY B 136 -9.91 -6.92 -25.00
CA GLY B 136 -9.92 -5.55 -25.62
C GLY B 136 -8.61 -4.85 -25.34
N THR B 137 -8.68 -3.57 -25.02
CA THR B 137 -7.47 -2.80 -24.73
C THR B 137 -7.49 -2.36 -23.26
N VAL B 138 -6.46 -2.72 -22.50
CA VAL B 138 -6.42 -2.35 -21.09
C VAL B 138 -5.05 -1.81 -20.77
N ARG B 139 -4.95 -0.95 -19.76
CA ARG B 139 -3.66 -0.54 -19.21
C ARG B 139 -3.81 -0.27 -17.72
N ALA B 140 -2.69 -0.09 -17.01
CA ALA B 140 -2.79 0.22 -15.60
C ALA B 140 -3.69 1.44 -15.42
N GLY B 141 -4.62 1.37 -14.47
CA GLY B 141 -5.47 2.52 -14.16
C GLY B 141 -5.00 3.42 -13.00
N ASN B 142 -5.94 4.21 -12.50
CA ASN B 142 -5.65 5.17 -11.45
C ASN B 142 -6.28 4.74 -10.14
N CYS B 143 -5.44 4.66 -9.10
CA CYS B 143 -5.93 4.17 -7.82
C CYS B 143 -6.81 5.22 -7.18
N GLY B 144 -7.75 4.80 -6.36
CA GLY B 144 -8.51 5.73 -5.56
C GLY B 144 -9.97 5.40 -5.49
CA CA C . 4.48 19.58 10.48
NA NA D . 5.24 17.86 -3.84
CA CA E . 4.65 -10.28 -7.87
NA NA F . -1.39 -13.75 4.73
#